data_3WVC
#
_entry.id   3WVC
#
_cell.length_a   39.570
_cell.length_b   97.530
_cell.length_c   47.120
_cell.angle_alpha   90.00
_cell.angle_beta   111.17
_cell.angle_gamma   90.00
#
_symmetry.space_group_name_H-M   'P 1 21 1'
#
loop_
_entity.id
_entity.type
_entity.pdbx_description
1 polymer 'UPF0254 protein MJ1251'
2 non-polymer 'SULFATE ION'
3 non-polymer "5'-O-[(R)-hydroxy{[2-hydroxy-3,5-dimethyl-6-(2-oxo-2-sulfanylethyl)pyridin-4-yl]oxy}phosphoryl]guanosine"
4 non-polymer "5'-O-[(S)-{[2-(carboxymethyl)-6-hydroxy-3,5-dimethylpyridin-4-yl]oxy}(hydroxy)phosphoryl]guanosine"
5 water water
#
_entity_poly.entity_id   1
_entity_poly.type   'polypeptide(L)'
_entity_poly.pdbx_seq_one_letter_code
;GSHMITVATAECFTHANIGLTIHKAAAGYEDFEFKYLFSEEDLKLMKNVRVISAMFVPSIIGVEKLLDIKLPEPDFNYKY
AKAYSEEKDLEVAKLMAEGLKKKLNVNISIGSTAGVGRGAICILTDNNRYLFTSDVYANLITFENIKERQKNGIEKGIKR
FLEILKKEYF
;
_entity_poly.pdbx_strand_id   A,B
#
loop_
_chem_comp.id
_chem_comp.type
_chem_comp.name
_chem_comp.formula
FEG non-polymer 5'-O-[(S)-{[2-(carboxymethyl)-6-hydroxy-3,5-dimethylpyridin-4-yl]oxy}(hydroxy)phosphoryl]guanosine 'C19 H23 N6 O11 P'
SO4 non-polymer 'SULFATE ION' 'O4 S -2'
ZGP non-polymer 5'-O-[(R)-hydroxy{[2-hydroxy-3,5-dimethyl-6-(2-oxo-2-sulfanylethyl)pyridin-4-yl]oxy}phosphoryl]guanosine 'C19 H23 N6 O10 P S'
#
# COMPACT_ATOMS: atom_id res chain seq x y z
N SER A 2 -3.90 27.33 0.18
CA SER A 2 -2.88 26.80 1.09
C SER A 2 -3.10 25.31 1.35
N HIS A 3 -2.07 24.49 1.14
CA HIS A 3 -2.05 23.14 1.75
C HIS A 3 -0.64 22.61 2.01
N MET A 4 -0.60 21.40 2.56
CA MET A 4 0.59 20.57 2.72
C MET A 4 1.13 20.16 1.37
N ILE A 5 2.33 19.61 1.41
CA ILE A 5 2.93 19.04 0.27
C ILE A 5 2.42 17.59 0.27
N THR A 6 1.59 17.26 -0.70
CA THR A 6 0.94 15.94 -0.64
C THR A 6 1.68 14.97 -1.54
N VAL A 7 1.69 13.70 -1.16
CA VAL A 7 2.49 12.72 -1.93
C VAL A 7 1.62 11.48 -2.02
N ALA A 8 1.72 10.78 -3.12
CA ALA A 8 1.16 9.44 -3.24
C ALA A 8 2.11 8.56 -4.05
N THR A 9 2.06 7.25 -3.81
CA THR A 9 2.96 6.32 -4.47
C THR A 9 2.20 5.06 -5.02
N ALA A 10 2.69 4.52 -6.14
CA ALA A 10 2.16 3.26 -6.66
C ALA A 10 3.44 2.45 -6.97
N GLU A 11 3.68 1.42 -6.14
CA GLU A 11 4.94 0.70 -6.08
C GLU A 11 4.75 -0.76 -6.27
N CYS A 12 5.70 -1.36 -6.97
CA CYS A 12 5.66 -2.80 -7.17
C CYS A 12 6.89 -3.35 -6.45
N PHE A 13 8.07 -3.30 -7.05
CA PHE A 13 9.21 -4.05 -6.43
C PHE A 13 9.61 -3.46 -5.08
N THR A 14 9.28 -2.18 -4.90
CA THR A 14 9.59 -1.57 -3.61
C THR A 14 8.55 -1.79 -2.49
N HIS A 15 7.44 -2.48 -2.77
CA HIS A 15 6.50 -2.97 -1.75
C HIS A 15 5.78 -1.86 -0.98
N ALA A 16 5.59 -0.68 -1.63
CA ALA A 16 4.95 0.52 -0.95
C ALA A 16 5.85 1.13 0.16
N ASN A 17 7.09 0.64 0.25
CA ASN A 17 8.02 1.07 1.28
C ASN A 17 8.52 2.49 1.09
N ILE A 18 8.59 2.96 -0.14
CA ILE A 18 8.95 4.39 -0.31
C ILE A 18 7.83 5.27 0.30
N GLY A 19 6.57 5.01 -0.07
CA GLY A 19 5.49 5.82 0.51
C GLY A 19 5.27 5.59 1.99
N LEU A 20 5.40 4.36 2.46
CA LEU A 20 5.30 4.10 3.94
C LEU A 20 6.39 4.81 4.77
N THR A 21 7.63 4.78 4.28
CA THR A 21 8.70 5.50 4.90
C THR A 21 8.47 7.02 4.92
N ILE A 22 8.13 7.60 3.76
CA ILE A 22 7.81 9.07 3.70
C ILE A 22 6.71 9.39 4.72
N HIS A 23 5.68 8.52 4.81
CA HIS A 23 4.62 8.73 5.83
C HIS A 23 5.13 8.70 7.29
N LYS A 24 5.94 7.72 7.65
CA LYS A 24 6.46 7.63 9.04
C LYS A 24 7.37 8.82 9.38
N ALA A 25 8.18 9.24 8.41
CA ALA A 25 9.00 10.43 8.57
C ALA A 25 8.12 11.65 8.76
N ALA A 26 7.13 11.82 7.88
CA ALA A 26 6.19 12.95 7.98
C ALA A 26 5.38 12.92 9.27
N ALA A 27 5.02 11.73 9.73
CA ALA A 27 4.12 11.61 10.89
C ALA A 27 4.90 11.66 12.23
N GLY A 28 6.23 11.69 12.15
CA GLY A 28 7.08 11.95 13.34
C GLY A 28 7.40 10.68 14.09
N TYR A 29 7.39 9.55 13.41
CA TYR A 29 7.80 8.32 14.04
C TYR A 29 9.27 8.51 14.49
N GLU A 30 9.60 7.97 15.68
CA GLU A 30 10.99 8.00 16.18
C GLU A 30 11.82 6.83 15.62
N ASP A 31 11.18 5.74 15.25
CA ASP A 31 11.86 4.54 14.75
C ASP A 31 11.26 4.13 13.46
N PHE A 32 12.10 3.87 12.45
CA PHE A 32 11.62 3.22 11.19
C PHE A 32 12.82 2.82 10.35
N GLU A 33 12.72 1.74 9.54
CA GLU A 33 13.92 1.17 8.91
C GLU A 33 14.88 2.15 8.18
N PHE A 34 14.34 3.01 7.35
CA PHE A 34 15.19 3.89 6.59
C PHE A 34 15.33 5.30 7.15
N LYS A 35 15.17 5.44 8.47
CA LYS A 35 15.23 6.77 9.09
C LYS A 35 16.63 7.36 8.96
N TYR A 36 17.65 6.48 8.91
CA TYR A 36 19.03 6.95 8.74
C TYR A 36 19.22 7.80 7.45
N LEU A 37 18.30 7.66 6.48
CA LEU A 37 18.34 8.51 5.26
C LEU A 37 18.01 9.98 5.43
N PHE A 38 17.34 10.30 6.54
CA PHE A 38 16.87 11.64 6.76
C PHE A 38 17.79 12.35 7.79
N SER A 39 18.32 13.51 7.45
CA SER A 39 18.91 14.40 8.45
C SER A 39 17.88 14.99 9.38
N GLU A 40 18.41 15.61 10.46
CA GLU A 40 17.58 16.26 11.47
C GLU A 40 16.72 17.33 10.83
N GLU A 41 17.34 18.09 9.94
CA GLU A 41 16.63 19.16 9.22
C GLU A 41 15.58 18.56 8.27
N ASP A 42 15.94 17.47 7.56
CA ASP A 42 14.97 16.78 6.67
C ASP A 42 13.68 16.47 7.43
N LEU A 43 13.82 15.97 8.64
CA LEU A 43 12.67 15.54 9.39
C LEU A 43 11.77 16.64 9.83
N LYS A 44 12.37 17.79 10.16
CA LYS A 44 11.65 19.05 10.32
C LYS A 44 10.86 19.44 9.07
N LEU A 45 11.48 19.36 7.89
CA LEU A 45 10.83 19.78 6.68
C LEU A 45 9.69 18.79 6.43
N MET A 46 9.93 17.52 6.79
CA MET A 46 8.94 16.44 6.53
C MET A 46 7.60 16.64 7.21
N LYS A 47 7.61 17.41 8.29
CA LYS A 47 6.37 17.81 8.96
CA LYS A 47 6.36 17.80 8.96
C LYS A 47 5.39 18.52 8.04
N ASN A 48 5.90 19.09 6.92
CA ASN A 48 5.01 19.79 5.99
C ASN A 48 4.43 18.88 4.90
N VAL A 49 4.74 17.59 4.97
CA VAL A 49 4.42 16.63 3.93
C VAL A 49 3.34 15.70 4.48
N ARG A 50 2.44 15.29 3.58
CA ARG A 50 1.44 14.28 3.96
C ARG A 50 1.28 13.25 2.87
N VAL A 51 1.26 11.97 3.22
CA VAL A 51 1.03 10.90 2.23
C VAL A 51 -0.50 10.73 2.09
N ILE A 52 -0.99 10.78 0.84
CA ILE A 52 -2.42 10.57 0.61
C ILE A 52 -2.72 9.08 0.38
N SER A 53 -1.84 8.39 -0.35
CA SER A 53 -1.91 6.92 -0.44
C SER A 53 -0.52 6.36 -0.75
N ALA A 54 -0.27 5.14 -0.29
CA ALA A 54 0.90 4.37 -0.68
C ALA A 54 0.38 2.98 -1.05
N MET A 55 0.52 2.61 -2.33
CA MET A 55 -0.13 1.43 -2.91
C MET A 55 0.92 0.43 -3.39
N PHE A 56 0.75 -0.85 -2.98
CA PHE A 56 1.49 -1.97 -3.58
C PHE A 56 0.62 -2.53 -4.69
N VAL A 57 1.15 -2.52 -5.92
CA VAL A 57 0.33 -2.82 -7.08
C VAL A 57 0.98 -3.86 -8.02
N PRO A 58 0.93 -5.16 -7.67
CA PRO A 58 1.73 -6.09 -8.47
C PRO A 58 0.95 -6.59 -9.70
N SER A 59 -0.25 -6.09 -9.88
CA SER A 59 -1.16 -6.58 -10.93
C SER A 59 -1.24 -5.52 -12.01
N ILE A 60 -1.08 -5.92 -13.27
CA ILE A 60 -1.25 -4.96 -14.36
C ILE A 60 -2.72 -4.50 -14.46
N ILE A 61 -3.63 -5.45 -14.48
CA ILE A 61 -5.07 -5.11 -14.55
C ILE A 61 -5.48 -4.23 -13.35
N GLY A 62 -4.99 -4.63 -12.18
CA GLY A 62 -5.24 -3.86 -10.98
C GLY A 62 -4.86 -2.39 -11.10
N VAL A 63 -3.61 -2.11 -11.48
CA VAL A 63 -3.25 -0.75 -11.51
C VAL A 63 -3.92 0.04 -12.66
N GLU A 64 -4.26 -0.63 -13.77
CA GLU A 64 -4.95 -0.02 -14.88
C GLU A 64 -6.37 0.41 -14.42
N LYS A 65 -7.03 -0.43 -13.62
CA LYS A 65 -8.35 -0.16 -13.09
C LYS A 65 -8.30 0.94 -12.03
N LEU A 66 -7.26 0.94 -11.17
CA LEU A 66 -7.20 1.97 -10.14
C LEU A 66 -6.86 3.36 -10.66
N LEU A 67 -6.02 3.42 -11.68
CA LEU A 67 -5.43 4.66 -12.10
C LEU A 67 -5.94 5.09 -13.48
N ASP A 68 -6.83 4.29 -14.09
CA ASP A 68 -7.38 4.60 -15.42
C ASP A 68 -6.29 4.78 -16.46
N ILE A 69 -5.43 3.81 -16.59
CA ILE A 69 -4.20 3.94 -17.45
C ILE A 69 -4.13 2.66 -18.21
N LYS A 70 -3.38 2.68 -19.32
CA LYS A 70 -3.21 1.42 -20.05
C LYS A 70 -1.68 1.17 -20.11
N LEU A 71 -1.26 -0.02 -19.69
CA LEU A 71 0.18 -0.29 -19.64
C LEU A 71 0.62 -1.07 -20.89
N PRO A 72 1.92 -1.02 -21.23
CA PRO A 72 2.33 -1.84 -22.41
C PRO A 72 2.28 -3.34 -22.10
N GLU A 73 2.28 -4.16 -23.15
CA GLU A 73 2.31 -5.61 -22.95
C GLU A 73 3.66 -6.01 -22.32
N PRO A 74 3.66 -6.91 -21.32
CA PRO A 74 4.89 -7.25 -20.67
C PRO A 74 5.78 -8.09 -21.58
N ASP A 75 7.09 -8.00 -21.41
CA ASP A 75 7.99 -8.68 -22.36
C ASP A 75 8.04 -10.18 -22.05
N PHE A 76 7.83 -10.50 -20.77
CA PHE A 76 7.84 -11.91 -20.31
C PHE A 76 6.47 -12.13 -19.75
N ASN A 77 5.71 -13.00 -20.37
CA ASN A 77 4.35 -13.11 -19.89
C ASN A 77 3.91 -14.55 -19.56
N TYR A 78 4.26 -14.99 -18.36
CA TYR A 78 4.10 -16.39 -17.90
C TYR A 78 3.89 -16.25 -16.37
N LYS A 79 3.32 -17.23 -15.66
CA LYS A 79 2.87 -16.70 -14.36
C LYS A 79 3.71 -16.88 -13.11
N TYR A 80 4.85 -17.56 -13.24
CA TYR A 80 5.98 -17.30 -12.34
C TYR A 80 7.01 -16.42 -13.04
N ALA A 81 6.51 -15.50 -13.88
CA ALA A 81 7.37 -14.66 -14.74
C ALA A 81 6.56 -13.68 -15.60
N LYS A 82 5.81 -12.78 -14.95
CA LYS A 82 5.32 -11.62 -15.66
C LYS A 82 6.32 -10.50 -15.41
N ALA A 83 6.94 -9.99 -16.47
CA ALA A 83 8.04 -9.03 -16.29
C ALA A 83 8.24 -8.10 -17.51
N TYR A 84 8.58 -6.85 -17.22
CA TYR A 84 8.99 -5.94 -18.25
C TYR A 84 10.51 -5.90 -18.32
N SER A 85 11.03 -5.58 -19.51
CA SER A 85 12.47 -5.23 -19.69
C SER A 85 12.70 -3.87 -18.99
N GLU A 86 13.95 -3.42 -18.86
CA GLU A 86 14.22 -2.16 -18.24
C GLU A 86 13.57 -0.98 -18.99
N GLU A 87 13.51 -1.05 -20.34
CA GLU A 87 12.96 0.08 -21.11
C GLU A 87 11.44 0.28 -20.79
N LYS A 88 10.71 -0.82 -20.80
CA LYS A 88 9.29 -0.73 -20.48
C LYS A 88 9.10 -0.47 -18.96
N ASP A 89 9.96 -1.00 -18.09
CA ASP A 89 9.85 -0.62 -16.63
C ASP A 89 9.86 0.93 -16.53
N LEU A 90 10.76 1.59 -17.25
CA LEU A 90 10.83 3.11 -17.20
C LEU A 90 9.53 3.71 -17.66
N GLU A 91 9.01 3.19 -18.77
CA GLU A 91 7.75 3.67 -19.28
C GLU A 91 6.60 3.48 -18.29
N VAL A 92 6.55 2.31 -17.67
CA VAL A 92 5.49 1.97 -16.70
C VAL A 92 5.57 2.83 -15.41
N ALA A 93 6.76 3.08 -14.88
CA ALA A 93 6.91 3.90 -13.68
C ALA A 93 6.38 5.32 -13.98
N LYS A 94 6.72 5.84 -15.16
CA LYS A 94 6.13 7.08 -15.62
C LYS A 94 4.59 7.08 -15.78
N LEU A 95 4.04 6.05 -16.46
CA LEU A 95 2.56 6.04 -16.70
C LEU A 95 1.90 5.95 -15.34
N MET A 96 2.44 5.15 -14.42
CA MET A 96 1.79 5.08 -13.10
C MET A 96 1.90 6.41 -12.33
N ALA A 97 3.10 7.03 -12.28
CA ALA A 97 3.23 8.32 -11.61
C ALA A 97 2.23 9.34 -12.17
N GLU A 98 2.17 9.43 -13.50
CA GLU A 98 1.29 10.37 -14.12
CA GLU A 98 1.25 10.33 -14.18
C GLU A 98 -0.21 10.07 -13.84
N GLY A 99 -0.60 8.81 -13.81
CA GLY A 99 -1.96 8.39 -13.52
C GLY A 99 -2.33 8.71 -12.07
N LEU A 100 -1.41 8.45 -11.15
CA LEU A 100 -1.65 8.81 -9.76
C LEU A 100 -1.83 10.32 -9.55
N LYS A 101 -0.95 11.09 -10.16
CA LYS A 101 -1.06 12.52 -10.05
C LYS A 101 -2.44 13.02 -10.59
N LYS A 102 -2.95 12.47 -11.71
CA LYS A 102 -4.24 12.84 -12.22
C LYS A 102 -5.40 12.32 -11.36
N LYS A 103 -5.27 11.12 -10.81
CA LYS A 103 -6.28 10.54 -9.92
C LYS A 103 -6.51 11.37 -8.63
N LEU A 104 -5.40 11.75 -7.99
CA LEU A 104 -5.41 12.24 -6.60
C LEU A 104 -5.01 13.71 -6.47
N ASN A 105 -4.57 14.32 -7.58
CA ASN A 105 -4.16 15.73 -7.53
C ASN A 105 -3.12 16.06 -6.43
N VAL A 106 -2.11 15.19 -6.26
CA VAL A 106 -1.08 15.41 -5.22
C VAL A 106 0.04 16.24 -5.85
N ASN A 107 0.85 16.83 -4.97
CA ASN A 107 2.02 17.58 -5.43
C ASN A 107 3.07 16.66 -6.05
N ILE A 108 3.26 15.50 -5.46
CA ILE A 108 4.35 14.63 -5.85
C ILE A 108 3.84 13.20 -5.91
N SER A 109 3.99 12.52 -7.04
CA SER A 109 3.65 11.11 -7.11
C SER A 109 4.84 10.30 -7.50
N ILE A 110 4.89 9.03 -7.05
CA ILE A 110 6.03 8.17 -7.31
C ILE A 110 5.51 6.82 -7.83
N GLY A 111 6.09 6.37 -8.97
CA GLY A 111 5.81 5.02 -9.55
C GLY A 111 7.11 4.19 -9.44
N SER A 112 7.01 2.90 -9.20
CA SER A 112 8.25 1.99 -9.19
C SER A 112 7.84 0.64 -9.71
N THR A 113 8.72 0.04 -10.49
CA THR A 113 8.46 -1.25 -11.12
C THR A 113 9.81 -1.86 -11.53
N ALA A 114 9.98 -3.18 -11.37
CA ALA A 114 11.31 -3.75 -11.76
C ALA A 114 11.03 -5.13 -12.24
N GLY A 115 11.47 -5.44 -13.46
CA GLY A 115 11.36 -6.78 -14.04
C GLY A 115 12.73 -7.41 -14.21
N VAL A 116 13.22 -7.28 -15.41
CA VAL A 116 14.58 -7.72 -15.81
C VAL A 116 15.42 -6.47 -16.11
N GLY A 117 16.48 -6.31 -15.33
CA GLY A 117 17.33 -5.17 -15.45
C GLY A 117 17.39 -4.42 -14.12
N ARG A 118 17.64 -3.12 -14.19
CA ARG A 118 17.81 -2.34 -12.94
C ARG A 118 16.49 -1.75 -12.31
N GLY A 119 15.36 -1.98 -12.98
CA GLY A 119 14.06 -1.48 -12.56
C GLY A 119 14.02 0.07 -12.73
N ALA A 120 12.94 0.68 -12.27
CA ALA A 120 12.57 2.11 -12.60
C ALA A 120 11.78 2.70 -11.47
N ILE A 121 12.10 3.95 -11.14
CA ILE A 121 11.33 4.79 -10.24
C ILE A 121 11.17 6.10 -11.00
N CYS A 122 9.95 6.58 -10.93
CA CYS A 122 9.61 7.84 -11.48
C CYS A 122 9.06 8.70 -10.33
N ILE A 123 9.66 9.86 -10.08
CA ILE A 123 9.12 10.91 -9.14
C ILE A 123 8.67 12.12 -10.00
N LEU A 124 7.37 12.39 -9.98
CA LEU A 124 6.77 13.46 -10.79
C LEU A 124 6.23 14.54 -9.88
N THR A 125 6.64 15.78 -10.10
CA THR A 125 6.19 16.84 -9.17
C THR A 125 5.36 17.82 -9.95
N ASP A 126 4.99 18.94 -9.30
CA ASP A 126 4.34 20.02 -10.08
C ASP A 126 5.23 20.66 -11.14
N ASN A 127 6.55 20.50 -10.98
CA ASN A 127 7.56 21.22 -11.74
C ASN A 127 8.33 20.38 -12.77
N ASN A 128 8.48 19.09 -12.54
CA ASN A 128 9.47 18.32 -13.33
C ASN A 128 9.19 16.82 -13.14
N ARG A 129 9.84 15.99 -13.94
CA ARG A 129 9.74 14.55 -13.79
C ARG A 129 11.15 13.97 -13.70
N TYR A 130 11.39 13.11 -12.72
CA TYR A 130 12.72 12.55 -12.49
C TYR A 130 12.57 11.08 -12.70
N LEU A 131 13.33 10.51 -13.62
CA LEU A 131 13.14 9.13 -13.92
C LEU A 131 14.54 8.51 -13.78
N PHE A 132 14.65 7.37 -13.13
CA PHE A 132 15.93 6.75 -12.83
C PHE A 132 15.78 5.26 -12.56
N THR A 133 16.88 4.52 -12.70
CA THR A 133 16.81 3.11 -12.45
C THR A 133 17.38 2.88 -11.04
N SER A 134 17.27 1.66 -10.53
CA SER A 134 18.05 1.33 -9.34
C SER A 134 19.53 1.18 -9.81
N ASP A 135 20.45 1.03 -8.87
CA ASP A 135 21.87 0.76 -9.26
C ASP A 135 22.19 -0.74 -9.40
N VAL A 136 21.18 -1.62 -9.33
CA VAL A 136 21.40 -3.09 -9.15
C VAL A 136 20.68 -3.85 -10.25
N TYR A 137 21.46 -4.55 -11.09
CA TYR A 137 20.88 -5.43 -12.08
C TYR A 137 20.29 -6.68 -11.40
N ALA A 138 19.06 -7.06 -11.75
CA ALA A 138 18.39 -8.25 -11.17
C ALA A 138 17.46 -8.85 -12.17
N ASN A 139 16.85 -9.95 -11.79
CA ASN A 139 16.11 -10.67 -12.79
C ASN A 139 14.95 -11.34 -12.12
N LEU A 140 13.79 -10.76 -12.27
CA LEU A 140 12.59 -11.32 -11.66
C LEU A 140 12.36 -12.82 -12.03
N ILE A 141 12.68 -13.20 -13.27
CA ILE A 141 12.30 -14.53 -13.76
C ILE A 141 13.16 -15.63 -13.16
N THR A 142 14.43 -15.32 -12.87
CA THR A 142 15.35 -16.29 -12.31
C THR A 142 15.56 -16.04 -10.82
N PHE A 143 15.07 -14.90 -10.33
CA PHE A 143 15.24 -14.50 -8.91
C PHE A 143 16.61 -14.04 -8.51
N GLU A 144 17.46 -13.77 -9.48
CA GLU A 144 18.79 -13.31 -9.15
C GLU A 144 18.78 -11.82 -8.72
N ASN A 145 19.39 -11.55 -7.56
CA ASN A 145 19.69 -10.23 -7.02
C ASN A 145 18.43 -9.40 -6.64
N ILE A 146 17.32 -10.08 -6.42
CA ILE A 146 16.01 -9.44 -6.30
C ILE A 146 15.95 -8.59 -5.05
N LYS A 147 16.36 -9.22 -3.94
CA LYS A 147 16.41 -8.61 -2.66
C LYS A 147 17.29 -7.32 -2.65
N GLU A 148 18.46 -7.39 -3.31
CA GLU A 148 19.44 -6.29 -3.24
C GLU A 148 18.93 -5.14 -4.05
N ARG A 149 18.24 -5.45 -5.13
CA ARG A 149 17.63 -4.45 -6.02
C ARG A 149 16.50 -3.75 -5.30
N GLN A 150 15.71 -4.51 -4.53
CA GLN A 150 14.61 -3.94 -3.82
C GLN A 150 15.08 -2.89 -2.78
N LYS A 151 16.01 -3.32 -1.96
CA LYS A 151 16.62 -2.45 -0.96
C LYS A 151 17.27 -1.18 -1.58
N ASN A 152 18.03 -1.37 -2.65
CA ASN A 152 18.66 -0.23 -3.28
C ASN A 152 17.60 0.74 -3.90
N GLY A 153 16.56 0.19 -4.52
CA GLY A 153 15.44 0.98 -5.04
C GLY A 153 14.76 1.84 -3.98
N ILE A 154 14.48 1.25 -2.83
CA ILE A 154 13.88 2.00 -1.72
C ILE A 154 14.86 3.12 -1.29
N GLU A 155 16.12 2.76 -1.05
CA GLU A 155 17.09 3.78 -0.55
C GLU A 155 17.30 4.95 -1.56
N LYS A 156 17.49 4.62 -2.84
CA LYS A 156 17.65 5.62 -3.88
C LYS A 156 16.38 6.43 -4.10
N GLY A 157 15.22 5.77 -4.06
CA GLY A 157 13.96 6.51 -4.25
C GLY A 157 13.82 7.58 -3.15
N ILE A 158 14.01 7.16 -1.91
CA ILE A 158 13.92 8.10 -0.75
C ILE A 158 14.98 9.18 -0.78
N LYS A 159 16.23 8.79 -1.07
CA LYS A 159 17.28 9.75 -1.19
C LYS A 159 16.96 10.83 -2.23
N ARG A 160 16.49 10.42 -3.40
CA ARG A 160 16.20 11.38 -4.47
C ARG A 160 14.94 12.19 -4.13
N PHE A 161 13.94 11.52 -3.56
CA PHE A 161 12.73 12.23 -3.15
C PHE A 161 13.08 13.43 -2.28
N LEU A 162 13.93 13.22 -1.29
CA LEU A 162 14.30 14.30 -0.35
C LEU A 162 15.06 15.43 -1.06
N GLU A 163 15.98 15.07 -1.98
CA GLU A 163 16.73 16.10 -2.73
C GLU A 163 15.75 16.96 -3.52
N ILE A 164 14.85 16.29 -4.25
CA ILE A 164 13.78 16.94 -5.01
C ILE A 164 12.85 17.81 -4.18
N LEU A 165 12.41 17.25 -3.03
CA LEU A 165 11.50 18.00 -2.12
C LEU A 165 12.21 19.34 -1.74
N LYS A 166 13.47 19.23 -1.35
CA LYS A 166 14.15 20.41 -0.79
C LYS A 166 14.41 21.40 -1.91
N LYS A 167 14.70 20.86 -3.10
CA LYS A 167 14.98 21.70 -4.27
C LYS A 167 13.78 22.54 -4.73
N GLU A 168 12.66 21.85 -4.94
CA GLU A 168 11.48 22.47 -5.54
C GLU A 168 10.51 23.15 -4.57
N TYR A 169 10.47 22.69 -3.31
CA TYR A 169 9.41 23.10 -2.38
C TYR A 169 9.90 23.92 -1.22
N PHE A 170 11.23 23.99 -1.09
CA PHE A 170 11.78 24.77 0.01
C PHE A 170 12.82 25.80 -0.44
N SER B 2 -11.84 -19.70 -15.62
CA SER B 2 -11.19 -20.18 -14.36
C SER B 2 -10.18 -19.15 -13.83
N HIS B 3 -10.10 -19.06 -12.51
CA HIS B 3 -9.28 -18.03 -11.85
C HIS B 3 -8.61 -18.46 -10.51
N MET B 4 -7.49 -17.82 -10.13
CA MET B 4 -6.96 -17.88 -8.75
C MET B 4 -7.86 -17.18 -7.75
N ILE B 5 -7.61 -17.40 -6.45
CA ILE B 5 -8.31 -16.62 -5.39
C ILE B 5 -7.64 -15.25 -5.26
N THR B 6 -8.30 -14.20 -5.76
CA THR B 6 -7.70 -12.88 -5.71
C THR B 6 -8.09 -12.09 -4.49
N VAL B 7 -7.15 -11.31 -3.96
CA VAL B 7 -7.39 -10.55 -2.73
C VAL B 7 -6.93 -9.12 -2.98
N ALA B 8 -7.68 -8.13 -2.45
CA ALA B 8 -7.17 -6.76 -2.42
C ALA B 8 -7.46 -6.16 -1.09
N THR B 9 -6.69 -5.15 -0.65
CA THR B 9 -6.94 -4.54 0.67
C THR B 9 -6.81 -3.02 0.60
N ALA B 10 -7.52 -2.30 1.48
CA ALA B 10 -7.41 -0.83 1.62
C ALA B 10 -7.40 -0.66 3.11
N GLU B 11 -6.21 -0.31 3.63
CA GLU B 11 -5.90 -0.40 5.04
C GLU B 11 -5.45 0.96 5.53
N CYS B 12 -5.88 1.31 6.71
CA CYS B 12 -5.40 2.52 7.29
CA CYS B 12 -5.42 2.55 7.28
C CYS B 12 -4.52 2.17 8.48
N PHE B 13 -5.13 1.99 9.67
CA PHE B 13 -4.30 1.69 10.84
C PHE B 13 -3.36 0.47 10.72
N THR B 14 -3.69 -0.53 9.90
CA THR B 14 -2.86 -1.71 9.76
C THR B 14 -1.70 -1.52 8.73
N HIS B 15 -1.63 -0.31 8.11
CA HIS B 15 -0.47 0.06 7.26
C HIS B 15 -0.25 -0.79 6.01
N ALA B 16 -1.35 -1.30 5.43
CA ALA B 16 -1.26 -2.29 4.35
C ALA B 16 -0.50 -3.63 4.70
N ASN B 17 -0.17 -3.87 5.98
CA ASN B 17 0.49 -5.08 6.40
C ASN B 17 -0.35 -6.35 6.23
N ILE B 18 -1.69 -6.25 6.33
CA ILE B 18 -2.50 -7.46 6.15
C ILE B 18 -2.30 -7.96 4.70
N GLY B 19 -2.53 -7.07 3.72
CA GLY B 19 -2.29 -7.40 2.31
C GLY B 19 -0.85 -7.78 1.98
N LEU B 20 0.11 -7.04 2.50
CA LEU B 20 1.53 -7.36 2.21
C LEU B 20 1.87 -8.77 2.79
N THR B 21 1.38 -9.07 4.00
CA THR B 21 1.62 -10.35 4.60
C THR B 21 0.92 -11.48 3.77
N ILE B 22 -0.34 -11.32 3.40
CA ILE B 22 -1.01 -12.29 2.49
C ILE B 22 -0.17 -12.55 1.21
N HIS B 23 0.38 -11.48 0.63
CA HIS B 23 1.20 -11.55 -0.61
C HIS B 23 2.47 -12.38 -0.41
N LYS B 24 3.19 -12.09 0.68
CA LYS B 24 4.42 -12.80 0.95
C LYS B 24 4.20 -14.29 1.21
N ALA B 25 3.20 -14.63 2.01
CA ALA B 25 2.72 -16.00 2.13
C ALA B 25 2.37 -16.61 0.80
N ALA B 26 1.56 -15.95 -0.04
CA ALA B 26 1.13 -16.53 -1.35
C ALA B 26 2.37 -16.73 -2.23
N ALA B 27 3.36 -15.86 -2.03
CA ALA B 27 4.50 -15.83 -2.93
C ALA B 27 5.55 -16.83 -2.46
N GLY B 28 5.33 -17.50 -1.33
CA GLY B 28 6.27 -18.50 -0.81
C GLY B 28 7.52 -17.88 -0.22
N TYR B 29 7.44 -16.70 0.37
CA TYR B 29 8.60 -16.14 1.07
C TYR B 29 8.92 -17.04 2.26
N GLU B 30 10.20 -17.34 2.51
CA GLU B 30 10.53 -18.41 3.47
C GLU B 30 10.41 -17.87 4.87
N ASP B 31 10.67 -16.59 5.04
CA ASP B 31 10.16 -15.93 6.20
C ASP B 31 9.75 -14.45 5.99
N PHE B 32 9.02 -13.93 6.98
CA PHE B 32 8.36 -12.60 6.91
C PHE B 32 7.69 -12.40 8.23
N GLU B 33 7.49 -11.15 8.64
CA GLU B 33 7.09 -10.85 10.05
C GLU B 33 5.93 -11.69 10.60
N PHE B 34 4.84 -11.83 9.88
CA PHE B 34 3.68 -12.50 10.53
C PHE B 34 3.51 -13.95 10.04
N LYS B 35 4.62 -14.56 9.58
CA LYS B 35 4.64 -15.96 9.19
C LYS B 35 4.10 -16.91 10.28
N TYR B 36 4.38 -16.60 11.56
CA TYR B 36 3.89 -17.46 12.65
C TYR B 36 2.33 -17.66 12.69
N LEU B 37 1.57 -16.85 11.94
CA LEU B 37 0.10 -16.99 11.92
C LEU B 37 -0.33 -18.07 10.96
N PHE B 38 0.63 -18.51 10.14
CA PHE B 38 0.30 -19.45 9.07
C PHE B 38 0.81 -20.85 9.43
N SER B 39 -0.09 -21.83 9.47
CA SER B 39 0.32 -23.24 9.56
C SER B 39 0.99 -23.73 8.25
N GLU B 40 1.74 -24.84 8.29
CA GLU B 40 2.33 -25.38 7.07
C GLU B 40 1.28 -25.73 6.02
N GLU B 41 0.13 -26.24 6.47
CA GLU B 41 -0.99 -26.48 5.56
C GLU B 41 -1.56 -25.16 5.00
N ASP B 42 -1.66 -24.11 5.82
CA ASP B 42 -2.13 -22.81 5.32
C ASP B 42 -1.25 -22.36 4.16
N LEU B 43 0.06 -22.50 4.34
CA LEU B 43 1.05 -22.06 3.36
C LEU B 43 0.89 -22.77 1.99
N LYS B 44 0.47 -24.03 2.06
CA LYS B 44 0.14 -24.77 0.84
C LYS B 44 -1.10 -24.20 0.17
N LEU B 45 -2.14 -23.99 0.97
CA LEU B 45 -3.36 -23.44 0.41
C LEU B 45 -3.07 -22.06 -0.22
N MET B 46 -2.15 -21.31 0.42
CA MET B 46 -1.82 -19.93 0.05
C MET B 46 -1.30 -19.80 -1.39
N LYS B 47 -0.83 -20.90 -2.01
CA LYS B 47 -0.23 -20.81 -3.38
C LYS B 47 -1.34 -20.61 -4.43
N ASN B 48 -2.57 -20.81 -4.02
CA ASN B 48 -3.66 -20.61 -4.93
C ASN B 48 -4.23 -19.18 -4.79
N VAL B 49 -3.60 -18.35 -3.97
CA VAL B 49 -4.09 -16.97 -3.71
C VAL B 49 -3.12 -15.98 -4.41
N ARG B 50 -3.65 -14.87 -4.91
CA ARG B 50 -2.84 -13.79 -5.48
C ARG B 50 -3.34 -12.39 -5.01
N VAL B 51 -2.41 -11.56 -4.57
CA VAL B 51 -2.77 -10.22 -4.13
C VAL B 51 -2.82 -9.30 -5.39
N ILE B 52 -3.92 -8.60 -5.60
CA ILE B 52 -4.08 -7.67 -6.77
C ILE B 52 -3.53 -6.28 -6.38
N SER B 53 -3.81 -5.86 -5.12
CA SER B 53 -3.28 -4.62 -4.55
C SER B 53 -3.44 -4.61 -3.04
N ALA B 54 -2.45 -4.05 -2.32
CA ALA B 54 -2.62 -3.75 -0.89
C ALA B 54 -2.35 -2.24 -0.76
N MET B 55 -3.31 -1.51 -0.25
CA MET B 55 -3.10 -0.08 -0.27
C MET B 55 -3.17 0.52 1.14
N PHE B 56 -2.26 1.45 1.42
CA PHE B 56 -2.36 2.24 2.69
C PHE B 56 -3.05 3.57 2.33
N VAL B 57 -4.19 3.88 3.00
CA VAL B 57 -5.05 4.96 2.55
C VAL B 57 -5.44 5.86 3.71
N PRO B 58 -4.49 6.66 4.18
CA PRO B 58 -4.79 7.38 5.44
C PRO B 58 -5.53 8.72 5.18
N SER B 59 -6.08 8.90 3.99
CA SER B 59 -6.73 10.15 3.62
C SER B 59 -8.17 9.83 3.26
N ILE B 60 -9.13 10.58 3.79
CA ILE B 60 -10.52 10.37 3.36
C ILE B 60 -10.72 10.72 1.85
N ILE B 61 -10.26 11.91 1.45
CA ILE B 61 -10.40 12.25 0.03
C ILE B 61 -9.74 11.23 -0.87
N GLY B 62 -8.57 10.78 -0.45
CA GLY B 62 -7.81 9.78 -1.21
C GLY B 62 -8.59 8.50 -1.42
N VAL B 63 -9.09 7.91 -0.35
CA VAL B 63 -9.82 6.64 -0.56
C VAL B 63 -11.16 6.82 -1.32
N GLU B 64 -11.78 7.98 -1.16
CA GLU B 64 -13.02 8.30 -1.87
C GLU B 64 -12.73 8.36 -3.38
N LYS B 65 -11.57 8.91 -3.77
CA LYS B 65 -11.25 9.07 -5.19
C LYS B 65 -10.79 7.74 -5.79
N LEU B 66 -10.03 6.96 -5.01
CA LEU B 66 -9.46 5.69 -5.50
C LEU B 66 -10.53 4.59 -5.58
N LEU B 67 -11.47 4.63 -4.67
CA LEU B 67 -12.50 3.59 -4.62
C LEU B 67 -13.88 4.08 -5.06
N ASP B 68 -14.01 5.41 -5.37
CA ASP B 68 -15.29 5.97 -5.81
C ASP B 68 -16.40 5.72 -4.76
N ILE B 69 -16.10 6.05 -3.52
CA ILE B 69 -17.08 5.92 -2.45
C ILE B 69 -17.18 7.29 -1.75
N LYS B 70 -18.26 7.49 -0.97
CA LYS B 70 -18.44 8.64 -0.06
C LYS B 70 -18.44 8.16 1.40
N LEU B 71 -17.54 8.73 2.19
CA LEU B 71 -17.38 8.43 3.61
C LEU B 71 -18.18 9.40 4.47
N PRO B 72 -18.58 8.95 5.68
CA PRO B 72 -19.25 9.83 6.61
C PRO B 72 -18.30 10.90 7.12
N GLU B 73 -18.87 11.96 7.64
CA GLU B 73 -18.13 13.02 8.30
C GLU B 73 -17.41 12.42 9.51
N PRO B 74 -16.14 12.82 9.73
CA PRO B 74 -15.45 12.34 10.90
C PRO B 74 -16.04 12.89 12.21
N ASP B 75 -15.98 12.07 13.24
CA ASP B 75 -16.51 12.39 14.57
C ASP B 75 -15.60 13.36 15.27
N PHE B 76 -14.30 13.23 15.02
CA PHE B 76 -13.35 14.22 15.50
C PHE B 76 -12.66 14.76 14.26
N ASN B 77 -12.70 16.07 14.05
CA ASN B 77 -12.16 16.66 12.85
C ASN B 77 -11.41 17.89 13.22
N TYR B 78 -10.08 17.84 13.21
CA TYR B 78 -9.33 19.03 13.60
C TYR B 78 -8.53 19.48 12.41
N LYS B 79 -9.13 19.23 11.23
CA LYS B 79 -8.50 19.40 9.89
C LYS B 79 -7.25 18.52 9.69
N TYR B 80 -6.21 18.72 10.51
CA TYR B 80 -4.98 17.91 10.33
C TYR B 80 -5.07 16.55 11.01
N ALA B 81 -5.92 16.45 12.04
CA ALA B 81 -6.21 15.19 12.71
C ALA B 81 -7.70 14.87 12.52
N LYS B 82 -8.01 13.62 12.17
CA LYS B 82 -9.38 13.22 11.91
C LYS B 82 -9.62 11.75 12.41
N ALA B 83 -10.73 11.49 13.06
CA ALA B 83 -10.97 10.12 13.57
C ALA B 83 -12.42 9.81 13.61
N TYR B 84 -12.75 8.51 13.40
CA TYR B 84 -14.13 8.07 13.70
C TYR B 84 -14.17 7.42 15.04
N SER B 85 -15.37 7.31 15.66
CA SER B 85 -15.49 6.43 16.77
C SER B 85 -15.91 5.06 16.18
N GLU B 86 -16.23 4.13 17.06
CA GLU B 86 -16.49 2.74 16.63
C GLU B 86 -17.56 2.63 15.54
N GLU B 87 -18.73 3.24 15.69
CA GLU B 87 -19.81 2.94 14.70
C GLU B 87 -19.41 3.37 13.25
N LYS B 88 -18.80 4.54 13.14
CA LYS B 88 -18.41 5.02 11.84
C LYS B 88 -17.15 4.24 11.37
N ASP B 89 -16.25 3.88 12.26
CA ASP B 89 -15.12 2.99 11.80
C ASP B 89 -15.71 1.72 11.13
N LEU B 90 -16.75 1.13 11.72
CA LEU B 90 -17.25 -0.14 11.22
C LEU B 90 -17.92 0.14 9.87
N GLU B 91 -18.66 1.24 9.78
CA GLU B 91 -19.27 1.62 8.47
C GLU B 91 -18.24 1.81 7.37
N VAL B 92 -17.14 2.47 7.70
CA VAL B 92 -16.09 2.79 6.77
C VAL B 92 -15.28 1.56 6.30
N ALA B 93 -14.98 0.62 7.22
CA ALA B 93 -14.33 -0.63 6.81
C ALA B 93 -15.18 -1.32 5.76
N LYS B 94 -16.48 -1.32 5.99
CA LYS B 94 -17.41 -2.01 5.11
C LYS B 94 -17.52 -1.24 3.79
N LEU B 95 -17.70 0.09 3.86
CA LEU B 95 -17.64 0.87 2.57
C LEU B 95 -16.39 0.65 1.73
N MET B 96 -15.20 0.66 2.37
CA MET B 96 -13.97 0.41 1.63
C MET B 96 -13.94 -0.99 1.01
N ALA B 97 -14.30 -2.00 1.79
CA ALA B 97 -14.28 -3.35 1.27
C ALA B 97 -15.24 -3.47 0.06
N GLU B 98 -16.44 -2.91 0.19
CA GLU B 98 -17.38 -3.03 -0.93
C GLU B 98 -16.82 -2.26 -2.11
N GLY B 99 -16.24 -1.08 -1.83
CA GLY B 99 -15.70 -0.25 -2.95
C GLY B 99 -14.60 -1.01 -3.70
N LEU B 100 -13.73 -1.68 -2.93
CA LEU B 100 -12.59 -2.39 -3.51
CA LEU B 100 -12.59 -2.44 -3.50
C LEU B 100 -13.08 -3.55 -4.37
N LYS B 101 -14.09 -4.28 -3.85
CA LYS B 101 -14.64 -5.39 -4.58
C LYS B 101 -15.26 -4.91 -5.89
N LYS B 102 -16.00 -3.80 -5.87
CA LYS B 102 -16.58 -3.21 -7.08
C LYS B 102 -15.52 -2.75 -8.07
N LYS B 103 -14.45 -2.14 -7.56
CA LYS B 103 -13.42 -1.54 -8.44
C LYS B 103 -12.63 -2.65 -9.14
N LEU B 104 -12.21 -3.69 -8.38
CA LEU B 104 -11.23 -4.67 -8.83
C LEU B 104 -11.82 -6.03 -9.08
N ASN B 105 -13.07 -6.28 -8.72
CA ASN B 105 -13.67 -7.60 -8.96
C ASN B 105 -12.83 -8.73 -8.36
N VAL B 106 -12.34 -8.56 -7.14
CA VAL B 106 -11.52 -9.64 -6.52
C VAL B 106 -12.45 -10.56 -5.73
N ASN B 107 -12.01 -11.79 -5.43
CA ASN B 107 -12.79 -12.71 -4.60
C ASN B 107 -12.93 -12.23 -3.16
N ILE B 108 -11.86 -11.65 -2.63
CA ILE B 108 -11.83 -11.31 -1.21
C ILE B 108 -11.29 -9.87 -1.10
N SER B 109 -12.06 -8.99 -0.47
CA SER B 109 -11.63 -7.60 -0.22
CA SER B 109 -11.49 -7.67 -0.19
C SER B 109 -11.55 -7.30 1.28
N ILE B 110 -10.56 -6.50 1.69
CA ILE B 110 -10.32 -6.21 3.11
C ILE B 110 -10.21 -4.70 3.27
N GLY B 111 -10.97 -4.15 4.22
CA GLY B 111 -10.79 -2.74 4.59
C GLY B 111 -10.51 -2.67 6.07
N SER B 112 -9.67 -1.69 6.48
CA SER B 112 -9.40 -1.51 7.94
C SER B 112 -9.25 -0.02 8.26
N THR B 113 -9.72 0.36 9.44
CA THR B 113 -9.66 1.77 9.89
C THR B 113 -9.88 1.76 11.38
N ALA B 114 -9.11 2.60 12.08
CA ALA B 114 -9.27 2.78 13.51
C ALA B 114 -9.05 4.25 13.92
N GLY B 115 -10.07 4.82 14.58
CA GLY B 115 -9.92 6.16 15.19
C GLY B 115 -9.87 6.08 16.69
N VAL B 116 -11.07 6.29 17.27
CA VAL B 116 -11.13 6.23 18.74
C VAL B 116 -11.91 4.97 19.07
N GLY B 117 -11.31 4.08 19.89
CA GLY B 117 -11.95 2.81 20.29
C GLY B 117 -11.19 1.60 19.69
N ARG B 118 -11.93 0.52 19.36
CA ARG B 118 -11.19 -0.67 18.96
C ARG B 118 -10.95 -0.78 17.43
N GLY B 119 -11.43 0.18 16.64
CA GLY B 119 -11.13 0.06 15.19
C GLY B 119 -11.98 -1.02 14.49
N ALA B 120 -11.75 -1.25 13.21
CA ALA B 120 -12.71 -2.04 12.46
C ALA B 120 -11.97 -2.68 11.30
N ILE B 121 -12.26 -3.98 11.04
CA ILE B 121 -11.73 -4.72 9.87
C ILE B 121 -12.97 -5.35 9.23
N CYS B 122 -13.10 -5.23 7.91
CA CYS B 122 -14.15 -5.95 7.17
C CYS B 122 -13.41 -6.84 6.15
N ILE B 123 -13.82 -8.10 6.08
CA ILE B 123 -13.41 -9.02 5.06
C ILE B 123 -14.69 -9.39 4.28
N LEU B 124 -14.70 -9.05 2.98
CA LEU B 124 -15.86 -9.29 2.14
C LEU B 124 -15.48 -10.36 1.10
N THR B 125 -16.23 -11.45 1.04
CA THR B 125 -15.95 -12.45 -0.02
C THR B 125 -17.04 -12.43 -1.13
N ASP B 126 -16.99 -13.40 -2.04
CA ASP B 126 -18.08 -13.60 -3.03
C ASP B 126 -19.38 -13.98 -2.30
N ASN B 127 -19.26 -14.62 -1.15
CA ASN B 127 -20.44 -15.25 -0.46
C ASN B 127 -20.89 -14.53 0.82
N ASN B 128 -19.98 -13.83 1.50
CA ASN B 128 -20.31 -13.35 2.84
C ASN B 128 -19.54 -12.07 3.21
N ARG B 129 -20.00 -11.38 4.25
CA ARG B 129 -19.35 -10.22 4.74
C ARG B 129 -19.01 -10.52 6.20
N TYR B 130 -17.76 -10.28 6.60
CA TYR B 130 -17.34 -10.39 7.99
C TYR B 130 -16.87 -9.06 8.57
N LEU B 131 -17.46 -8.61 9.69
CA LEU B 131 -17.09 -7.27 10.23
C LEU B 131 -16.74 -7.39 11.71
N PHE B 132 -15.58 -6.87 12.16
CA PHE B 132 -15.22 -7.05 13.55
C PHE B 132 -14.29 -5.91 13.93
N THR B 133 -14.12 -5.72 15.24
CA THR B 133 -13.24 -4.71 15.73
C THR B 133 -11.91 -5.40 16.05
N SER B 134 -10.87 -4.61 16.33
CA SER B 134 -9.70 -5.22 16.99
C SER B 134 -10.06 -5.57 18.46
N ASP B 135 -9.16 -6.27 19.17
CA ASP B 135 -9.32 -6.52 20.64
C ASP B 135 -8.78 -5.38 21.55
N VAL B 136 -8.26 -4.32 20.98
CA VAL B 136 -7.52 -3.33 21.83
C VAL B 136 -8.20 -1.97 21.67
N TYR B 137 -8.58 -1.36 22.78
CA TYR B 137 -9.04 0.02 22.76
C TYR B 137 -7.86 0.96 22.63
N ALA B 138 -7.91 1.88 21.67
CA ALA B 138 -6.88 2.96 21.60
C ALA B 138 -7.53 4.27 21.20
N ASN B 139 -6.71 5.29 21.12
CA ASN B 139 -7.22 6.64 20.89
C ASN B 139 -6.28 7.37 20.00
N LEU B 140 -6.70 7.62 18.76
CA LEU B 140 -5.86 8.33 17.83
C LEU B 140 -5.45 9.71 18.33
N ILE B 141 -6.34 10.37 19.07
CA ILE B 141 -6.22 11.79 19.39
C ILE B 141 -5.21 11.97 20.58
N THR B 142 -5.27 11.09 21.57
CA THR B 142 -4.31 11.13 22.66
C THR B 142 -3.11 10.21 22.40
N PHE B 143 -3.18 9.40 21.34
CA PHE B 143 -2.11 8.46 21.00
C PHE B 143 -2.06 7.23 21.91
N GLU B 144 -3.02 7.03 22.80
CA GLU B 144 -2.90 5.89 23.73
C GLU B 144 -3.19 4.48 23.10
N ASN B 145 -2.23 3.54 23.25
CA ASN B 145 -2.39 2.14 22.84
C ASN B 145 -2.41 1.90 21.28
N ILE B 146 -1.94 2.87 20.49
CA ILE B 146 -1.95 2.85 19.00
C ILE B 146 -1.18 1.67 18.43
N LYS B 147 0.04 1.49 18.95
CA LYS B 147 0.91 0.46 18.46
C LYS B 147 0.37 -0.95 18.74
N GLU B 148 -0.17 -1.12 19.93
CA GLU B 148 -0.69 -2.38 20.37
C GLU B 148 -1.92 -2.72 19.52
N ARG B 149 -2.75 -1.72 19.25
CA ARG B 149 -3.97 -1.93 18.45
C ARG B 149 -3.63 -2.25 16.96
N GLN B 150 -2.61 -1.57 16.43
CA GLN B 150 -2.13 -1.80 15.09
C GLN B 150 -1.70 -3.28 14.95
N LYS B 151 -0.84 -3.75 15.85
CA LYS B 151 -0.34 -5.14 15.75
C LYS B 151 -1.47 -6.19 15.94
N ASN B 152 -2.37 -5.93 16.88
CA ASN B 152 -3.52 -6.78 17.11
C ASN B 152 -4.47 -6.81 15.88
N GLY B 153 -4.68 -5.65 15.27
CA GLY B 153 -5.49 -5.55 14.03
C GLY B 153 -4.89 -6.38 12.92
N ILE B 154 -3.55 -6.31 12.76
CA ILE B 154 -2.90 -7.13 11.74
C ILE B 154 -3.08 -8.63 12.02
N GLU B 155 -2.78 -9.04 13.25
CA GLU B 155 -2.85 -10.46 13.64
C GLU B 155 -4.26 -11.01 13.53
N LYS B 156 -5.24 -10.26 14.03
CA LYS B 156 -6.66 -10.67 13.96
C LYS B 156 -7.23 -10.67 12.51
N GLY B 157 -6.97 -9.61 11.73
CA GLY B 157 -7.30 -9.66 10.30
C GLY B 157 -6.81 -10.93 9.54
N ILE B 158 -5.51 -11.24 9.64
CA ILE B 158 -4.85 -12.40 9.02
C ILE B 158 -5.45 -13.67 9.60
N LYS B 159 -5.60 -13.72 10.92
CA LYS B 159 -6.13 -14.96 11.48
C LYS B 159 -7.56 -15.22 10.94
N ARG B 160 -8.41 -14.21 10.99
CA ARG B 160 -9.78 -14.33 10.47
C ARG B 160 -9.80 -14.55 8.95
N PHE B 161 -8.94 -13.83 8.23
CA PHE B 161 -8.74 -14.12 6.83
C PHE B 161 -8.48 -15.64 6.55
N LEU B 162 -7.53 -16.29 7.24
CA LEU B 162 -7.24 -17.71 6.95
C LEU B 162 -8.46 -18.61 7.20
N GLU B 163 -9.18 -18.30 8.28
CA GLU B 163 -10.35 -19.08 8.70
C GLU B 163 -11.40 -19.04 7.60
N ILE B 164 -11.70 -17.82 7.12
CA ILE B 164 -12.68 -17.57 6.12
C ILE B 164 -12.24 -18.21 4.79
N LEU B 165 -10.96 -18.02 4.44
CA LEU B 165 -10.48 -18.57 3.19
C LEU B 165 -10.73 -20.08 3.14
N LYS B 166 -10.32 -20.73 4.22
CA LYS B 166 -10.54 -22.16 4.38
C LYS B 166 -11.97 -22.58 4.31
N LYS B 167 -12.83 -21.92 5.06
CA LYS B 167 -14.21 -22.30 5.15
C LYS B 167 -14.90 -22.11 3.80
N GLU B 168 -14.64 -20.99 3.11
CA GLU B 168 -15.36 -20.70 1.85
C GLU B 168 -14.75 -21.19 0.54
N TYR B 169 -13.44 -21.32 0.49
CA TYR B 169 -12.79 -21.46 -0.82
C TYR B 169 -12.22 -22.84 -1.01
N PHE B 170 -12.12 -23.53 0.13
CA PHE B 170 -11.57 -24.84 0.19
C PHE B 170 -12.54 -25.82 0.79
S SO4 C . -2.23 -9.26 -13.97
O1 SO4 C . -1.99 -10.67 -14.40
O2 SO4 C . -0.85 -8.68 -13.82
O3 SO4 C . -2.91 -9.24 -12.65
O4 SO4 C . -2.82 -8.32 -14.94
S SO4 D . 22.35 8.70 -5.98
O1 SO4 D . 22.08 7.26 -6.22
O2 SO4 D . 22.96 9.25 -7.21
O3 SO4 D . 23.36 8.93 -4.92
O4 SO4 D . 21.05 9.34 -5.68
O6 ZGP E . 12.25 -14.64 0.56
C6 ZGP E . 11.83 -15.08 -0.52
N1 ZGP E . 11.65 -16.47 -0.66
C2 ZGP E . 11.15 -16.98 -1.89
N2 ZGP E . 10.96 -18.28 -2.08
N3 ZGP E . 10.88 -16.12 -2.86
C4 ZGP E . 11.06 -14.78 -2.70
C5 ZGP E . 11.52 -14.27 -1.55
N7 ZGP E . 11.59 -12.94 -1.72
C8 ZGP E . 11.16 -12.63 -2.96
N9 ZGP E . 10.84 -13.78 -3.55
C1' ZGP E . 10.33 -14.11 -4.89
O4' ZGP E . 10.50 -12.99 -5.80
C2' ZGP E . 8.86 -14.45 -4.83
O2' ZGP E . 8.68 -15.57 -5.66
C3' ZGP E . 8.18 -13.22 -5.40
O3' ZGP E . 6.97 -13.52 -6.09
C4' ZGP E . 9.19 -12.71 -6.41
C5' ZGP E . 8.90 -11.21 -6.62
O5' ZGP E . 8.75 -10.57 -5.38
PBK ZGP E . 7.46 -9.73 -5.15
OAJ ZGP E . 7.33 -9.71 -3.58
OAG ZGP E . 6.34 -10.26 -5.96
OAT ZGP E . 7.88 -8.20 -5.53
CBA ZGP E . 8.45 -7.87 -6.72
CAX ZGP E . 7.60 -7.50 -7.77
CAA ZGP E . 6.17 -7.52 -7.56
CAY ZGP E . 9.83 -7.88 -6.82
CAB ZGP E . 10.62 -8.21 -5.76
CBB ZGP E . 10.40 -7.50 -8.05
OAE ZGP E . 11.63 -7.46 -8.24
NAR ZGP E . 9.55 -7.16 -9.14
CAZ ZGP E . 8.17 -7.17 -9.01
CAM ZGP E . 7.34 -6.76 -10.07
CAV ZGP E . 7.10 -5.23 -9.69
OAD ZGP E . 8.04 -4.45 -9.79
SAK ZGP E . 5.54 -4.85 -8.79
N1 FEG F . -5.38 5.06 12.95
C2 FEG F . -4.27 4.48 13.59
O2 FEG F . -4.42 3.93 14.78
C3 FEG F . -2.94 4.42 13.00
C3M FEG F . -1.79 3.75 13.65
C4 FEG F . -2.85 5.03 11.65
C5 FEG F . -4.00 5.64 11.02
C5M FEG F . -3.85 6.31 9.62
C6 FEG F . -5.23 5.64 11.71
C7 FEG F . -6.45 6.26 11.12
C8 FEG F . -7.47 5.20 10.63
O28 FEG F . -8.66 5.60 10.37
O18 FEG F . -7.03 4.02 10.54
O3P FEG F . -1.67 5.06 11.03
P1 FEG F . -0.50 6.39 11.38
O1P FEG F . -1.16 7.56 10.78
O2P FEG F . 0.87 5.88 11.08
O5S FEG F . -0.58 6.76 13.03
C5S FEG F . -1.48 7.74 13.30
C4S FEG F . -0.82 8.89 14.03
C3S FEG F . 0.47 9.43 13.33
O3S FEG F . 0.13 10.47 12.50
C2S FEG F . 1.35 9.98 14.44
O2S FEG F . 0.97 11.26 14.74
C1S FEG F . 0.97 8.95 15.56
O4S FEG F . -0.28 8.41 15.27
N9A FEG F . 2.02 7.95 15.70
C8A FEG F . 1.85 6.60 15.30
N7A FEG F . 2.97 5.94 15.53
C5A FEG F . 3.89 6.87 16.10
C4A FEG F . 3.29 8.12 16.20
C6A FEG F . 5.24 6.72 16.56
O6A FEG F . 5.95 5.71 16.55
N1A FEG F . 5.90 7.86 17.09
C2A FEG F . 5.19 9.10 17.14
N3A FEG F . 3.89 9.27 16.69
N2A FEG F . 5.91 10.16 17.66
S SO4 G . -8.26 14.05 4.14
O1 SO4 G . -7.00 13.84 3.35
O2 SO4 G . -8.48 13.00 5.15
O3 SO4 G . -8.07 15.26 4.96
O4 SO4 G . -9.30 14.06 3.10
S SO4 H . -15.03 -10.89 17.44
O1 SO4 H . -13.97 -11.89 17.33
O2 SO4 H . -15.71 -10.76 16.14
O3 SO4 H . -14.48 -9.57 17.74
O4 SO4 H . -15.99 -11.23 18.49
S SO4 I . -26.32 -3.48 5.41
O1 SO4 I . -25.76 -4.31 4.31
O2 SO4 I . -26.11 -4.13 6.72
O3 SO4 I . -27.78 -3.34 5.19
O4 SO4 I . -25.61 -2.18 5.43
S SO4 J . -6.40 -15.03 -12.29
O1 SO4 J . -5.06 -15.54 -11.88
O2 SO4 J . -6.61 -15.42 -13.67
O3 SO4 J . -6.40 -13.55 -12.14
O4 SO4 J . -7.51 -15.54 -11.43
#